data_2DHF
#
_entry.id   2DHF
#
_cell.length_a   36.100
_cell.length_b   38.500
_cell.length_c   76.800
_cell.angle_alpha   93.90
_cell.angle_beta   91.40
_cell.angle_gamma   111.50
#
_symmetry.space_group_name_H-M   'P 1'
#
loop_
_entity.id
_entity.type
_entity.pdbx_description
1 polymer 'DIHYDROFOLATE REDUCTASE'
2 non-polymer '5-DEAZAFOLIC ACID'
3 water water
#
_entity_poly.entity_id   1
_entity_poly.type   'polypeptide(L)'
_entity_poly.pdbx_seq_one_letter_code
;VGSLNCIVAVSQNMGIGKNGDLPWPPLRNEFRYFQRMTTTSSVEGKQNLVIMGKKTWFSIPEKNRPLKGRINLVLSRELK
EPPQGAHFLSRSLDDALKLTEQPELANKVDMVWIVGGSSVYKEAMNHPGHLKLFVTRIMQDFESDTFFPEIDLEKYKLLP
EYPGVLSDVQEEKGIKYKFEVYEKND
;
_entity_poly.pdbx_strand_id   A,B
#
loop_
_chem_comp.id
_chem_comp.type
_chem_comp.name
_chem_comp.formula
DZF non-polymer '5-DEAZAFOLIC ACID' 'C20 H20 N6 O6'
#
# COMPACT_ATOMS: atom_id res chain seq x y z
N LEU A 4 -0.74 14.84 -10.41
CA LEU A 4 -1.66 14.12 -11.20
C LEU A 4 -1.86 14.46 -12.68
N ASN A 5 -1.30 13.54 -13.49
CA ASN A 5 -1.34 13.63 -14.97
C ASN A 5 -2.38 12.69 -15.54
N CYS A 6 -3.12 13.19 -16.53
CA CYS A 6 -4.13 12.41 -17.28
C CYS A 6 -3.54 12.23 -18.69
N ILE A 7 -3.62 11.04 -19.23
CA ILE A 7 -3.14 10.79 -20.59
C ILE A 7 -4.20 10.08 -21.43
N VAL A 8 -4.52 10.78 -22.51
CA VAL A 8 -5.55 10.27 -23.44
C VAL A 8 -5.28 10.67 -24.86
N ALA A 9 -5.92 9.89 -25.72
CA ALA A 9 -5.89 10.11 -27.21
C ALA A 9 -7.37 10.18 -27.60
N VAL A 10 -7.84 11.20 -28.26
CA VAL A 10 -9.26 11.35 -28.59
C VAL A 10 -9.49 11.69 -30.04
N SER A 11 -10.63 11.21 -30.53
CA SER A 11 -10.94 11.52 -31.99
C SER A 11 -11.68 12.86 -31.99
N GLN A 12 -11.78 13.36 -33.19
CA GLN A 12 -12.43 14.62 -33.56
C GLN A 12 -13.79 14.72 -32.85
N ASN A 13 -14.37 13.58 -32.68
CA ASN A 13 -15.63 13.40 -31.99
C ASN A 13 -15.53 13.21 -30.48
N MET A 14 -14.34 13.18 -29.88
CA MET A 14 -14.13 13.01 -28.46
C MET A 14 -14.28 11.58 -27.98
N GLY A 15 -14.35 10.70 -28.93
CA GLY A 15 -14.53 9.26 -28.60
C GLY A 15 -13.12 8.80 -28.17
N ILE A 16 -13.17 7.90 -27.21
CA ILE A 16 -11.91 7.32 -26.70
C ILE A 16 -11.98 5.81 -26.84
N GLY A 17 -13.20 5.33 -27.07
CA GLY A 17 -13.39 3.93 -27.20
C GLY A 17 -14.56 3.47 -28.01
N LYS A 18 -14.34 2.20 -28.39
CA LYS A 18 -15.26 1.42 -29.12
C LYS A 18 -15.08 -0.07 -28.84
N ASN A 19 -16.10 -0.61 -28.23
CA ASN A 19 -16.17 -2.04 -27.98
C ASN A 19 -15.07 -2.54 -27.05
N GLY A 20 -14.47 -1.57 -26.41
CA GLY A 20 -13.39 -1.76 -25.44
C GLY A 20 -12.03 -1.64 -26.13
N ASP A 21 -12.00 -1.02 -27.28
CA ASP A 21 -10.75 -0.84 -28.02
C ASP A 21 -10.69 0.60 -28.59
N LEU A 22 -9.46 0.93 -28.96
CA LEU A 22 -9.21 2.26 -29.59
C LEU A 22 -10.10 2.17 -30.82
N PRO A 23 -10.83 3.22 -31.11
CA PRO A 23 -11.75 3.26 -32.24
C PRO A 23 -10.94 3.42 -33.56
N TRP A 24 -9.67 3.67 -33.42
CA TRP A 24 -8.80 3.87 -34.61
C TRP A 24 -7.83 2.72 -34.73
N PRO A 25 -7.27 2.54 -35.92
CA PRO A 25 -6.26 1.48 -36.10
C PRO A 25 -5.00 2.01 -35.35
N PRO A 26 -4.17 1.06 -34.97
CA PRO A 26 -2.94 1.27 -34.24
C PRO A 26 -1.97 2.31 -34.77
N LEU A 27 -1.67 3.28 -33.94
CA LEU A 27 -0.63 4.30 -34.37
C LEU A 27 0.56 3.91 -33.51
N ARG A 28 1.59 3.36 -34.11
CA ARG A 28 2.76 2.89 -33.37
C ARG A 28 3.57 4.02 -32.80
N ASN A 29 3.50 5.18 -33.38
CA ASN A 29 4.28 6.35 -32.89
C ASN A 29 3.56 7.06 -31.75
N GLU A 30 2.24 6.93 -31.84
CA GLU A 30 1.38 7.59 -30.87
C GLU A 30 1.52 6.76 -29.58
N PHE A 31 1.66 5.46 -29.84
CA PHE A 31 1.81 4.49 -28.78
C PHE A 31 3.15 4.63 -28.04
N ARG A 32 4.13 4.84 -28.86
CA ARG A 32 5.54 4.99 -28.41
C ARG A 32 5.60 6.20 -27.50
N TYR A 33 5.00 7.31 -27.92
CA TYR A 33 4.92 8.53 -27.12
C TYR A 33 4.18 8.32 -25.80
N PHE A 34 3.03 7.66 -25.86
CA PHE A 34 2.27 7.41 -24.60
C PHE A 34 3.22 6.58 -23.67
N GLN A 35 4.01 5.73 -24.33
CA GLN A 35 4.86 4.80 -23.59
C GLN A 35 6.04 5.52 -22.98
N ARG A 36 6.46 6.59 -23.61
CA ARG A 36 7.55 7.47 -23.27
C ARG A 36 7.10 8.42 -22.18
N MET A 37 5.95 9.08 -22.32
CA MET A 37 5.46 9.93 -21.23
C MET A 37 5.23 9.19 -19.92
N THR A 38 4.38 8.17 -19.89
CA THR A 38 4.03 7.48 -18.60
C THR A 38 5.17 6.72 -17.97
N THR A 39 6.23 6.45 -18.69
CA THR A 39 7.41 5.77 -18.19
C THR A 39 8.43 6.72 -17.63
N THR A 40 8.91 7.63 -18.44
CA THR A 40 9.92 8.60 -18.03
C THR A 40 9.57 9.19 -16.66
N SER A 41 10.49 8.94 -15.76
CA SER A 41 10.40 9.45 -14.34
C SER A 41 11.44 10.56 -14.27
N SER A 42 11.13 11.64 -13.60
CA SER A 42 12.06 12.81 -13.49
C SER A 42 13.16 12.61 -12.48
N VAL A 43 12.82 11.89 -11.43
CA VAL A 43 13.68 11.59 -10.30
C VAL A 43 14.48 10.31 -10.51
N GLU A 44 15.68 10.36 -9.94
CA GLU A 44 16.60 9.21 -10.01
C GLU A 44 16.10 8.14 -9.06
N GLY A 45 15.94 6.95 -9.58
CA GLY A 45 15.49 5.76 -8.91
C GLY A 45 14.03 5.70 -8.55
N LYS A 46 13.22 6.67 -8.98
CA LYS A 46 11.76 6.65 -8.65
C LYS A 46 11.04 6.15 -9.92
N GLN A 47 9.86 5.58 -9.73
CA GLN A 47 9.02 5.00 -10.74
C GLN A 47 7.65 5.68 -10.81
N ASN A 48 7.07 5.63 -12.01
CA ASN A 48 5.73 6.26 -12.18
C ASN A 48 4.65 5.24 -11.89
N LEU A 49 3.53 5.72 -11.40
CA LEU A 49 2.37 4.87 -11.16
C LEU A 49 1.23 5.24 -12.17
N VAL A 50 0.75 4.20 -12.86
CA VAL A 50 -0.39 4.33 -13.76
C VAL A 50 -1.60 3.77 -12.97
N ILE A 51 -2.74 4.33 -13.16
CA ILE A 51 -4.02 3.98 -12.53
C ILE A 51 -4.96 3.85 -13.76
N MET A 52 -5.88 2.94 -13.64
CA MET A 52 -6.83 2.68 -14.74
C MET A 52 -7.94 1.80 -14.22
N GLY A 53 -9.08 1.85 -14.88
CA GLY A 53 -10.22 1.06 -14.49
C GLY A 53 -10.04 -0.37 -15.02
N LYS A 54 -10.94 -1.23 -14.54
CA LYS A 54 -10.95 -2.66 -14.96
C LYS A 54 -10.87 -2.84 -16.47
N LYS A 55 -11.68 -2.10 -17.21
CA LYS A 55 -11.78 -2.17 -18.66
C LYS A 55 -10.56 -1.77 -19.44
N THR A 56 -9.87 -0.75 -18.91
CA THR A 56 -8.69 -0.31 -19.65
C THR A 56 -7.53 -1.24 -19.43
N TRP A 57 -7.67 -2.03 -18.35
CA TRP A 57 -6.57 -3.00 -18.04
C TRP A 57 -6.73 -4.20 -19.02
N PHE A 58 -7.96 -4.63 -19.14
CA PHE A 58 -8.25 -5.78 -20.05
C PHE A 58 -8.02 -5.40 -21.51
N SER A 59 -8.08 -4.12 -21.82
CA SER A 59 -7.88 -3.56 -23.15
C SER A 59 -6.43 -3.42 -23.53
N ILE A 60 -5.49 -3.75 -22.63
CA ILE A 60 -4.06 -3.67 -23.09
C ILE A 60 -3.79 -5.09 -23.71
N PRO A 61 -3.07 -5.10 -24.80
CA PRO A 61 -2.70 -6.42 -25.42
C PRO A 61 -2.13 -7.19 -24.20
N GLU A 62 -2.79 -8.28 -23.89
CA GLU A 62 -2.51 -9.16 -22.81
C GLU A 62 -1.03 -9.31 -22.56
N LYS A 63 -0.22 -9.18 -23.63
CA LYS A 63 1.22 -9.31 -23.51
C LYS A 63 2.04 -8.11 -23.20
N ASN A 64 1.48 -7.02 -22.69
CA ASN A 64 2.28 -5.85 -22.27
C ASN A 64 1.69 -5.30 -20.95
N ARG A 65 0.85 -6.19 -20.46
CA ARG A 65 0.16 -6.07 -19.17
C ARG A 65 1.21 -6.82 -18.26
N PRO A 66 1.72 -6.22 -17.23
CA PRO A 66 1.38 -4.85 -16.75
C PRO A 66 2.30 -3.95 -17.56
N LEU A 67 1.85 -2.71 -17.66
CA LEU A 67 2.72 -1.76 -18.48
C LEU A 67 4.10 -1.99 -17.91
N LYS A 68 5.13 -1.84 -18.71
CA LYS A 68 6.47 -2.10 -18.24
C LYS A 68 7.17 -0.87 -17.78
N GLY A 69 7.86 -1.10 -16.65
CA GLY A 69 8.68 -0.13 -15.94
C GLY A 69 7.83 0.87 -15.14
N ARG A 70 6.61 0.50 -14.89
CA ARG A 70 5.60 1.26 -14.20
C ARG A 70 4.86 0.44 -13.14
N ILE A 71 4.36 1.17 -12.17
CA ILE A 71 3.55 0.48 -11.10
C ILE A 71 2.12 0.67 -11.71
N ASN A 72 1.51 -0.45 -11.84
CA ASN A 72 0.17 -0.58 -12.38
C ASN A 72 -0.81 -0.82 -11.24
N LEU A 73 -1.67 0.16 -11.12
CA LEU A 73 -2.77 0.05 -10.10
C LEU A 73 -4.06 -0.04 -10.87
N VAL A 74 -5.08 -0.67 -10.36
CA VAL A 74 -6.39 -0.86 -11.00
C VAL A 74 -7.48 -0.52 -10.01
N LEU A 75 -8.38 0.37 -10.45
CA LEU A 75 -9.54 0.71 -9.60
C LEU A 75 -10.73 -0.10 -10.14
N SER A 76 -11.51 -0.58 -9.20
CA SER A 76 -12.74 -1.29 -9.42
C SER A 76 -13.42 -1.50 -8.05
N ARG A 77 -14.70 -1.32 -7.99
CA ARG A 77 -15.44 -1.52 -6.73
C ARG A 77 -15.94 -2.95 -6.71
N GLU A 78 -15.75 -3.66 -7.83
CA GLU A 78 -16.23 -5.02 -7.93
C GLU A 78 -15.24 -6.10 -7.60
N LEU A 79 -14.16 -6.13 -8.36
CA LEU A 79 -13.07 -7.09 -8.23
C LEU A 79 -12.66 -7.22 -6.76
N LYS A 80 -12.51 -8.50 -6.37
CA LYS A 80 -12.15 -8.81 -5.00
C LYS A 80 -10.66 -8.88 -4.77
N GLU A 81 -9.92 -8.96 -5.87
CA GLU A 81 -8.46 -9.01 -5.83
C GLU A 81 -7.92 -8.48 -7.17
N PRO A 82 -6.68 -8.02 -7.08
CA PRO A 82 -5.98 -7.50 -8.27
C PRO A 82 -6.05 -8.56 -9.37
N PRO A 83 -6.47 -8.06 -10.53
CA PRO A 83 -6.54 -9.02 -11.70
C PRO A 83 -5.04 -9.36 -11.88
N GLN A 84 -4.72 -10.50 -12.36
CA GLN A 84 -3.34 -10.92 -12.61
C GLN A 84 -2.45 -9.71 -12.88
N GLY A 85 -1.18 -9.93 -12.90
CA GLY A 85 -0.15 -8.95 -13.26
C GLY A 85 -0.32 -7.59 -12.59
N ALA A 86 -1.49 -7.28 -12.11
CA ALA A 86 -1.71 -5.95 -11.44
C ALA A 86 -0.90 -5.85 -10.15
N HIS A 87 -0.35 -4.66 -9.89
CA HIS A 87 0.47 -4.31 -8.79
C HIS A 87 -0.21 -3.94 -7.47
N PHE A 88 -1.38 -3.45 -7.54
CA PHE A 88 -2.24 -2.93 -6.50
C PHE A 88 -3.67 -2.87 -7.07
N LEU A 89 -4.59 -2.70 -6.17
CA LEU A 89 -6.02 -2.56 -6.50
C LEU A 89 -6.61 -1.56 -5.47
N SER A 90 -7.48 -0.69 -5.85
CA SER A 90 -8.21 0.25 -5.01
C SER A 90 -9.65 0.33 -5.54
N ARG A 91 -10.57 0.70 -4.71
CA ARG A 91 -11.99 0.79 -5.09
C ARG A 91 -12.34 2.21 -5.54
N SER A 92 -11.44 3.10 -5.19
CA SER A 92 -11.64 4.53 -5.41
C SER A 92 -10.35 5.21 -5.90
N LEU A 93 -10.61 6.42 -6.43
CA LEU A 93 -9.54 7.23 -6.96
C LEU A 93 -8.84 7.90 -5.75
N ASP A 94 -9.63 8.20 -4.77
CA ASP A 94 -9.19 8.79 -3.49
C ASP A 94 -8.30 7.81 -2.73
N ASP A 95 -8.84 6.64 -2.47
CA ASP A 95 -8.18 5.54 -1.78
C ASP A 95 -6.84 5.27 -2.50
N ALA A 96 -6.94 5.28 -3.82
CA ALA A 96 -5.69 5.07 -4.63
C ALA A 96 -4.73 6.22 -4.50
N LEU A 97 -5.27 7.44 -4.37
CA LEU A 97 -4.42 8.63 -4.17
C LEU A 97 -3.84 8.56 -2.75
N LYS A 98 -4.62 8.09 -1.80
CA LYS A 98 -4.12 7.98 -0.39
C LYS A 98 -2.90 7.12 -0.33
N LEU A 99 -3.08 5.89 -0.76
CA LEU A 99 -2.04 4.88 -0.80
C LEU A 99 -0.70 5.33 -1.26
N THR A 100 -0.62 6.18 -2.25
CA THR A 100 0.60 6.72 -2.85
C THR A 100 1.22 7.78 -1.92
N GLU A 101 0.54 8.02 -0.85
CA GLU A 101 0.79 8.94 0.25
C GLU A 101 1.44 8.18 1.43
N GLN A 102 1.39 6.85 1.33
CA GLN A 102 2.06 6.04 2.41
C GLN A 102 3.54 6.33 2.02
N PRO A 103 4.35 6.60 3.03
CA PRO A 103 5.75 6.98 2.80
C PRO A 103 6.67 5.92 2.28
N GLU A 104 6.22 4.69 2.47
CA GLU A 104 7.06 3.55 1.99
C GLU A 104 6.95 3.67 0.44
N LEU A 105 5.75 3.98 0.04
CA LEU A 105 5.29 4.13 -1.35
C LEU A 105 5.85 5.43 -1.97
N ALA A 106 5.46 6.55 -1.40
CA ALA A 106 5.85 7.89 -1.73
C ALA A 106 7.33 8.03 -2.06
N ASN A 107 8.15 7.25 -1.39
CA ASN A 107 9.59 7.31 -1.60
C ASN A 107 10.04 6.51 -2.80
N LYS A 108 9.12 5.86 -3.46
CA LYS A 108 9.35 5.04 -4.64
C LYS A 108 8.62 5.48 -5.90
N VAL A 109 7.59 6.29 -5.82
CA VAL A 109 6.78 6.84 -6.89
C VAL A 109 7.14 8.32 -7.18
N ASP A 110 7.23 8.67 -8.43
CA ASP A 110 7.50 10.04 -8.91
C ASP A 110 6.15 10.59 -9.44
N MET A 111 5.88 10.30 -10.70
CA MET A 111 4.62 10.76 -11.33
C MET A 111 3.52 9.70 -11.34
N VAL A 112 2.28 10.15 -11.12
CA VAL A 112 1.03 9.45 -11.19
C VAL A 112 0.28 9.80 -12.50
N TRP A 113 -0.05 8.75 -13.26
CA TRP A 113 -0.76 8.92 -14.55
C TRP A 113 -2.05 8.07 -14.58
N ILE A 114 -3.09 8.73 -14.91
CA ILE A 114 -4.40 8.27 -15.10
C ILE A 114 -4.55 8.04 -16.63
N VAL A 115 -4.81 6.81 -16.97
CA VAL A 115 -4.97 6.23 -18.25
C VAL A 115 -6.36 5.84 -18.65
N GLY A 116 -7.37 6.10 -17.85
CA GLY A 116 -8.74 5.78 -18.35
C GLY A 116 -9.39 4.74 -17.50
N GLY A 117 -10.62 4.43 -17.80
CA GLY A 117 -11.49 4.92 -18.85
C GLY A 117 -12.18 6.22 -18.49
N SER A 118 -13.25 6.45 -19.23
CA SER A 118 -14.09 7.65 -19.11
C SER A 118 -14.39 8.14 -17.75
N SER A 119 -15.09 7.40 -16.94
CA SER A 119 -15.48 7.81 -15.59
C SER A 119 -14.29 8.09 -14.68
N VAL A 120 -13.15 7.49 -14.97
CA VAL A 120 -11.94 7.73 -14.13
C VAL A 120 -11.43 9.12 -14.55
N TYR A 121 -11.46 9.37 -15.83
CA TYR A 121 -10.95 10.67 -16.37
C TYR A 121 -11.81 11.80 -15.81
N LYS A 122 -13.08 11.48 -15.70
CA LYS A 122 -14.15 12.34 -15.15
C LYS A 122 -13.86 12.70 -13.70
N GLU A 123 -13.72 11.69 -12.88
CA GLU A 123 -13.46 11.81 -11.44
C GLU A 123 -12.15 12.58 -11.21
N ALA A 124 -11.16 12.23 -12.04
CA ALA A 124 -9.87 12.91 -11.96
C ALA A 124 -9.86 14.36 -12.45
N MET A 125 -10.68 14.68 -13.45
CA MET A 125 -10.63 16.03 -14.02
C MET A 125 -11.15 17.09 -13.04
N ASN A 126 -12.00 16.65 -12.16
CA ASN A 126 -12.75 17.44 -11.21
C ASN A 126 -11.95 17.73 -9.93
N HIS A 127 -11.29 16.71 -9.47
CA HIS A 127 -10.42 16.63 -8.31
C HIS A 127 -9.69 17.96 -8.15
N PRO A 128 -10.01 18.60 -7.02
CA PRO A 128 -9.36 19.89 -6.68
C PRO A 128 -7.85 19.56 -6.73
N GLY A 129 -7.04 20.47 -7.17
CA GLY A 129 -5.57 20.25 -7.22
C GLY A 129 -4.99 20.66 -8.57
N HIS A 130 -3.69 20.54 -8.64
CA HIS A 130 -2.84 20.81 -9.81
C HIS A 130 -2.90 19.55 -10.70
N LEU A 131 -3.62 19.70 -11.78
CA LEU A 131 -3.80 18.67 -12.80
C LEU A 131 -3.30 19.17 -14.17
N LYS A 132 -2.70 18.26 -14.87
CA LYS A 132 -2.18 18.37 -16.22
C LYS A 132 -2.82 17.31 -17.12
N LEU A 133 -3.34 17.72 -18.28
CA LEU A 133 -3.97 16.86 -19.30
C LEU A 133 -3.12 16.72 -20.53
N PHE A 134 -2.59 15.50 -20.81
CA PHE A 134 -1.81 15.29 -22.04
C PHE A 134 -2.83 14.75 -23.09
N VAL A 135 -3.25 15.55 -24.07
CA VAL A 135 -4.28 15.01 -25.02
C VAL A 135 -3.73 14.91 -26.44
N THR A 136 -4.01 13.78 -27.10
CA THR A 136 -3.61 13.57 -28.50
C THR A 136 -4.88 13.81 -29.34
N ARG A 137 -4.83 14.86 -30.10
CA ARG A 137 -5.93 15.22 -31.07
C ARG A 137 -5.78 14.36 -32.36
N ILE A 138 -6.66 13.43 -32.46
CA ILE A 138 -6.68 12.49 -33.66
C ILE A 138 -7.79 13.17 -34.55
N MET A 139 -7.27 13.85 -35.55
CA MET A 139 -8.00 14.67 -36.47
C MET A 139 -8.81 13.92 -37.51
N GLN A 140 -9.72 13.07 -37.12
CA GLN A 140 -10.63 12.32 -37.96
C GLN A 140 -11.67 11.67 -37.02
N ASP A 141 -12.86 11.53 -37.58
CA ASP A 141 -13.94 10.89 -36.80
C ASP A 141 -13.78 9.39 -36.76
N PHE A 142 -14.32 8.88 -35.66
CA PHE A 142 -14.28 7.42 -35.47
C PHE A 142 -15.54 7.18 -34.60
N GLU A 143 -16.06 6.05 -34.84
CA GLU A 143 -17.24 5.53 -34.21
C GLU A 143 -16.84 4.96 -32.85
N SER A 144 -17.30 5.75 -31.86
CA SER A 144 -17.13 5.50 -30.45
C SER A 144 -18.40 5.29 -29.68
N ASP A 145 -18.24 4.55 -28.59
CA ASP A 145 -19.27 4.23 -27.64
C ASP A 145 -18.99 4.92 -26.29
N THR A 146 -17.74 5.32 -26.12
CA THR A 146 -17.18 6.00 -24.93
C THR A 146 -16.48 7.28 -25.30
N PHE A 147 -16.78 8.31 -24.52
CA PHE A 147 -16.16 9.64 -24.84
C PHE A 147 -15.42 10.27 -23.69
N PHE A 148 -14.66 11.26 -24.06
CA PHE A 148 -13.86 12.07 -23.14
C PHE A 148 -14.74 13.32 -22.89
N PRO A 149 -14.66 13.85 -21.68
CA PRO A 149 -15.40 15.03 -21.24
C PRO A 149 -14.91 16.31 -21.89
N GLU A 150 -15.75 17.32 -21.79
CA GLU A 150 -15.42 18.67 -22.31
C GLU A 150 -14.30 19.23 -21.42
N ILE A 151 -13.20 19.65 -22.06
CA ILE A 151 -12.09 20.25 -21.26
C ILE A 151 -12.58 21.72 -20.98
N ASP A 152 -13.02 21.92 -19.79
CA ASP A 152 -13.50 23.25 -19.34
C ASP A 152 -12.38 24.28 -19.51
N LEU A 153 -12.71 25.29 -20.25
CA LEU A 153 -11.74 26.36 -20.50
C LEU A 153 -11.70 27.36 -19.38
N GLU A 154 -12.67 27.25 -18.46
CA GLU A 154 -12.66 28.17 -17.29
C GLU A 154 -11.41 27.73 -16.48
N LYS A 155 -11.30 26.41 -16.38
CA LYS A 155 -10.22 25.82 -15.62
C LYS A 155 -8.92 25.47 -16.23
N TYR A 156 -8.89 24.96 -17.45
CA TYR A 156 -7.70 24.51 -18.17
C TYR A 156 -7.11 25.44 -19.17
N LYS A 157 -5.78 25.44 -19.24
CA LYS A 157 -5.04 26.27 -20.18
C LYS A 157 -4.04 25.47 -20.96
N LEU A 158 -4.05 25.69 -22.25
CA LEU A 158 -3.17 24.95 -23.16
C LEU A 158 -1.75 25.51 -23.19
N LEU A 159 -0.83 24.68 -22.77
CA LEU A 159 0.59 25.03 -22.79
C LEU A 159 1.04 24.95 -24.25
N PRO A 160 1.31 26.10 -24.81
CA PRO A 160 1.83 26.21 -26.18
C PRO A 160 3.22 25.56 -26.25
N GLU A 161 3.76 25.19 -25.09
CA GLU A 161 5.07 24.52 -25.10
C GLU A 161 5.17 23.45 -24.04
N TYR A 162 5.98 22.43 -24.36
CA TYR A 162 6.17 21.32 -23.47
C TYR A 162 7.35 20.45 -23.75
N PRO A 163 8.32 20.56 -22.85
CA PRO A 163 9.57 19.78 -22.94
C PRO A 163 9.19 18.33 -23.21
N GLY A 164 9.63 17.82 -24.35
CA GLY A 164 9.35 16.43 -24.75
C GLY A 164 8.39 16.27 -25.91
N VAL A 165 7.36 17.09 -25.94
CA VAL A 165 6.30 17.15 -26.92
C VAL A 165 6.56 18.14 -28.07
N LEU A 166 6.40 17.62 -29.25
CA LEU A 166 6.54 18.31 -30.54
C LEU A 166 5.20 19.03 -30.80
N SER A 167 5.31 20.18 -31.43
CA SER A 167 4.17 21.01 -31.72
C SER A 167 3.52 20.74 -33.05
N ASP A 168 4.28 20.32 -34.04
CA ASP A 168 3.69 20.10 -35.35
C ASP A 168 2.82 18.87 -35.49
N VAL A 169 1.91 18.99 -36.48
CA VAL A 169 0.97 17.92 -36.82
C VAL A 169 1.71 16.69 -37.29
N GLN A 170 1.21 15.56 -36.81
CA GLN A 170 1.78 14.25 -37.10
C GLN A 170 0.77 13.57 -38.06
N GLU A 171 1.28 12.46 -38.56
CA GLU A 171 0.43 11.65 -39.46
C GLU A 171 0.89 10.20 -39.42
N GLU A 172 -0.06 9.31 -39.38
CA GLU A 172 0.25 7.85 -39.41
C GLU A 172 -0.92 7.22 -40.13
N LYS A 173 -0.61 6.30 -41.06
CA LYS A 173 -1.59 5.63 -41.89
C LYS A 173 -2.69 6.58 -42.44
N GLY A 174 -2.33 7.78 -42.76
CA GLY A 174 -3.21 8.78 -43.36
C GLY A 174 -4.08 9.42 -42.31
N ILE A 175 -3.49 9.32 -41.08
CA ILE A 175 -4.16 9.92 -39.92
C ILE A 175 -3.23 10.94 -39.30
N LYS A 176 -3.77 12.14 -39.22
CA LYS A 176 -3.01 13.27 -38.63
C LYS A 176 -3.47 13.38 -37.16
N TYR A 177 -2.52 13.86 -36.42
CA TYR A 177 -2.84 14.07 -34.95
C TYR A 177 -1.77 15.02 -34.45
N LYS A 178 -2.10 15.57 -33.29
CA LYS A 178 -1.23 16.51 -32.58
C LYS A 178 -1.44 16.41 -31.06
N PHE A 179 -0.32 16.55 -30.36
CA PHE A 179 -0.19 16.48 -28.93
C PHE A 179 -0.34 17.88 -28.31
N GLU A 180 -1.28 17.94 -27.41
CA GLU A 180 -1.57 19.16 -26.64
C GLU A 180 -1.38 18.88 -25.14
N VAL A 181 -1.05 19.95 -24.43
CA VAL A 181 -0.87 19.88 -22.97
C VAL A 181 -1.68 21.02 -22.31
N TYR A 182 -2.62 20.70 -21.49
CA TYR A 182 -3.46 21.55 -20.70
C TYR A 182 -3.04 21.44 -19.21
N GLU A 183 -3.28 22.55 -18.51
CA GLU A 183 -2.95 22.61 -17.10
C GLU A 183 -3.95 23.35 -16.29
N LYS A 184 -3.97 23.02 -14.99
CA LYS A 184 -4.97 23.66 -14.09
C LYS A 184 -4.39 23.67 -12.68
N ASN A 185 -4.88 24.55 -11.84
CA ASN A 185 -4.42 24.61 -10.44
C ASN A 185 -5.52 25.14 -9.51
N LEU B 4 -0.24 -15.02 10.67
CA LEU B 4 -0.47 -14.19 11.79
C LEU B 4 0.26 -14.47 13.09
N ASN B 5 1.13 -13.60 13.53
CA ASN B 5 1.90 -13.75 14.82
C ASN B 5 1.73 -12.50 15.73
N CYS B 6 1.33 -12.79 16.94
CA CYS B 6 1.17 -11.86 18.04
C CYS B 6 2.37 -12.26 19.01
N ILE B 7 2.97 -11.27 19.55
CA ILE B 7 4.09 -11.38 20.48
C ILE B 7 3.94 -10.34 21.62
N VAL B 8 3.84 -10.89 22.83
CA VAL B 8 3.67 -10.11 24.06
C VAL B 8 4.43 -10.69 25.25
N ALA B 9 4.53 -9.89 26.32
CA ALA B 9 5.16 -10.28 27.61
C ALA B 9 4.02 -9.91 28.67
N VAL B 10 3.71 -10.76 29.56
CA VAL B 10 2.69 -10.49 30.56
C VAL B 10 3.16 -10.77 31.97
N SER B 11 2.77 -9.84 32.84
CA SER B 11 3.10 -10.08 34.27
C SER B 11 2.07 -11.17 34.66
N GLN B 12 2.17 -11.58 35.88
CA GLN B 12 1.31 -12.63 36.44
C GLN B 12 -0.11 -12.16 36.50
N ASN B 13 -0.25 -10.88 36.71
CA ASN B 13 -1.64 -10.31 36.69
C ASN B 13 -2.06 -9.86 35.30
N MET B 14 -1.51 -10.43 34.23
CA MET B 14 -1.91 -10.13 32.85
C MET B 14 -1.71 -8.67 32.46
N GLY B 15 -0.82 -8.01 33.13
CA GLY B 15 -0.53 -6.60 32.83
C GLY B 15 0.52 -6.53 31.72
N ILE B 16 0.30 -5.57 30.82
CA ILE B 16 1.23 -5.33 29.72
C ILE B 16 1.72 -3.91 29.68
N GLY B 17 1.22 -3.06 30.58
CA GLY B 17 1.72 -1.63 30.48
C GLY B 17 1.31 -0.84 31.71
N LYS B 18 2.19 0.10 32.04
CA LYS B 18 1.97 1.03 33.16
C LYS B 18 2.34 2.42 32.63
N ASN B 19 1.35 3.29 32.63
CA ASN B 19 1.58 4.67 32.11
C ASN B 19 2.36 4.66 30.79
N GLY B 20 1.86 4.00 29.78
CA GLY B 20 2.53 3.93 28.46
C GLY B 20 3.98 3.50 28.50
N ASP B 21 4.21 2.47 29.30
CA ASP B 21 5.54 1.86 29.43
C ASP B 21 5.33 0.42 29.93
N LEU B 22 6.40 -0.35 29.86
CA LEU B 22 6.28 -1.74 30.37
C LEU B 22 6.22 -1.57 31.91
N PRO B 23 5.44 -2.43 32.51
CA PRO B 23 5.27 -2.49 33.93
C PRO B 23 6.53 -2.89 34.70
N TRP B 24 7.44 -3.61 34.16
CA TRP B 24 8.67 -4.07 34.70
C TRP B 24 9.87 -3.25 34.21
N PRO B 25 10.96 -3.44 34.90
CA PRO B 25 12.25 -2.78 34.48
C PRO B 25 12.63 -3.61 33.23
N PRO B 26 13.54 -3.11 32.44
CA PRO B 26 13.90 -3.75 31.19
C PRO B 26 14.84 -4.90 31.24
N LEU B 27 14.30 -5.98 30.72
CA LEU B 27 14.94 -7.28 30.53
C LEU B 27 15.58 -7.28 29.13
N ARG B 28 16.85 -6.95 29.15
CA ARG B 28 17.73 -6.84 28.00
C ARG B 28 17.68 -8.08 27.12
N ASN B 29 17.55 -9.23 27.80
CA ASN B 29 17.54 -10.52 27.08
C ASN B 29 16.13 -10.83 26.57
N GLU B 30 15.12 -10.22 27.19
CA GLU B 30 13.72 -10.47 26.66
C GLU B 30 13.54 -9.55 25.48
N PHE B 31 14.09 -8.30 25.48
CA PHE B 31 14.03 -7.42 24.33
C PHE B 31 14.89 -7.98 23.16
N ARG B 32 15.83 -8.83 23.48
CA ARG B 32 16.71 -9.47 22.49
C ARG B 32 15.89 -10.53 21.71
N TYR B 33 15.03 -11.20 22.48
CA TYR B 33 14.15 -12.23 21.94
C TYR B 33 13.08 -11.64 21.03
N PHE B 34 12.38 -10.62 21.50
CA PHE B 34 11.29 -9.96 20.73
C PHE B 34 11.94 -9.44 19.41
N GLN B 35 13.14 -8.93 19.54
CA GLN B 35 13.86 -8.36 18.41
C GLN B 35 14.20 -9.35 17.33
N ARG B 36 14.83 -10.46 17.69
CA ARG B 36 15.27 -11.55 16.86
C ARG B 36 14.05 -12.08 16.08
N MET B 37 13.09 -12.51 16.84
CA MET B 37 11.84 -13.08 16.39
C MET B 37 11.09 -12.21 15.40
N THR B 38 11.05 -10.93 15.72
CA THR B 38 10.33 -9.98 14.86
C THR B 38 11.07 -9.60 13.62
N THR B 39 12.39 -9.57 13.75
CA THR B 39 13.27 -9.22 12.65
C THR B 39 13.60 -10.37 11.71
N THR B 40 13.56 -11.59 12.19
CA THR B 40 13.92 -12.77 11.38
C THR B 40 12.90 -13.24 10.38
N SER B 41 13.35 -13.24 9.13
CA SER B 41 12.59 -13.61 7.95
C SER B 41 13.11 -14.92 7.34
N SER B 42 12.19 -15.74 6.93
CA SER B 42 12.44 -17.00 6.23
C SER B 42 13.11 -16.77 4.87
N VAL B 43 12.69 -15.73 4.21
CA VAL B 43 13.17 -15.33 2.90
C VAL B 43 14.13 -14.14 2.84
N GLU B 44 15.03 -14.32 1.85
CA GLU B 44 16.01 -13.31 1.50
C GLU B 44 15.29 -12.30 0.58
N GLY B 45 15.47 -11.03 0.90
CA GLY B 45 14.88 -9.96 0.11
C GLY B 45 13.44 -9.71 0.56
N LYS B 46 13.05 -10.37 1.63
CA LYS B 46 11.69 -10.17 2.21
C LYS B 46 11.92 -9.69 3.62
N GLN B 47 10.99 -8.92 4.18
CA GLN B 47 11.10 -8.40 5.55
C GLN B 47 9.75 -8.72 6.24
N ASN B 48 9.82 -8.61 7.56
CA ASN B 48 8.67 -8.85 8.41
C ASN B 48 7.99 -7.47 8.57
N LEU B 49 6.67 -7.61 8.81
CA LEU B 49 5.92 -6.39 9.10
C LEU B 49 5.43 -6.39 10.58
N VAL B 50 5.60 -5.23 11.17
CA VAL B 50 5.13 -4.98 12.51
C VAL B 50 3.99 -3.96 12.45
N ILE B 51 2.85 -4.30 12.96
CA ILE B 51 1.64 -3.53 13.18
C ILE B 51 1.47 -3.28 14.71
N MET B 52 1.26 -2.04 15.04
CA MET B 52 1.04 -1.69 16.50
C MET B 52 0.10 -0.47 16.51
N GLY B 53 -0.58 -0.40 17.65
CA GLY B 53 -1.52 0.71 17.88
C GLY B 53 -0.73 1.98 18.00
N LYS B 54 -1.40 3.10 18.17
CA LYS B 54 -0.67 4.40 18.26
C LYS B 54 0.09 4.50 19.57
N LYS B 55 -0.58 4.17 20.66
CA LYS B 55 0.06 4.19 22.00
C LYS B 55 1.34 3.39 22.04
N THR B 56 1.34 2.21 21.39
CA THR B 56 2.54 1.40 21.34
C THR B 56 3.64 2.16 20.60
N TRP B 57 3.28 2.60 19.41
CA TRP B 57 4.20 3.30 18.58
C TRP B 57 5.05 4.24 19.48
N PHE B 58 4.36 5.08 20.19
CA PHE B 58 4.86 6.11 21.07
C PHE B 58 5.55 5.59 22.31
N SER B 59 5.10 4.48 22.88
CA SER B 59 5.82 3.89 24.00
C SER B 59 7.20 3.39 23.56
N ILE B 60 7.55 3.34 22.28
CA ILE B 60 8.91 2.89 21.85
C ILE B 60 9.78 4.16 22.01
N PRO B 61 10.93 3.88 22.58
CA PRO B 61 11.92 4.98 22.84
C PRO B 61 12.28 5.55 21.47
N GLU B 62 11.89 6.75 21.23
CA GLU B 62 12.06 7.50 20.00
C GLU B 62 13.33 7.37 19.25
N LYS B 63 14.16 6.40 19.50
CA LYS B 63 15.48 6.28 18.78
C LYS B 63 15.70 4.81 18.46
N ASN B 64 14.59 4.16 18.68
CA ASN B 64 14.33 2.76 18.47
C ASN B 64 13.05 2.80 17.57
N ARG B 65 12.83 3.97 17.01
CA ARG B 65 11.68 4.19 16.18
C ARG B 65 12.15 4.70 14.81
N PRO B 66 11.71 3.99 13.79
CA PRO B 66 10.86 2.79 13.85
C PRO B 66 11.78 1.57 14.04
N LEU B 67 11.16 0.43 14.33
CA LEU B 67 11.94 -0.80 14.58
C LEU B 67 12.78 -1.15 13.34
N LYS B 68 14.07 -1.04 13.48
CA LYS B 68 15.07 -1.32 12.44
C LYS B 68 14.92 -2.71 11.83
N GLY B 69 14.97 -2.79 10.50
CA GLY B 69 14.94 -4.10 9.77
C GLY B 69 13.52 -4.60 9.61
N ARG B 70 12.55 -3.76 10.03
CA ARG B 70 11.17 -4.12 9.94
C ARG B 70 10.41 -2.94 9.28
N ILE B 71 9.30 -3.34 8.72
CA ILE B 71 8.41 -2.35 8.07
C ILE B 71 7.47 -2.11 9.28
N ASN B 72 7.35 -0.90 9.65
CA ASN B 72 6.51 -0.41 10.75
C ASN B 72 5.21 0.12 10.22
N LEU B 73 4.14 -0.36 10.80
CA LEU B 73 2.81 0.03 10.47
C LEU B 73 2.01 0.42 11.70
N VAL B 74 1.37 1.56 11.58
CA VAL B 74 0.53 2.21 12.57
C VAL B 74 -0.96 2.18 12.29
N LEU B 75 -1.69 1.69 13.26
CA LEU B 75 -3.11 1.59 13.37
C LEU B 75 -3.64 2.85 14.11
N SER B 76 -4.29 3.72 13.34
CA SER B 76 -4.88 4.90 13.96
C SER B 76 -6.15 5.34 13.26
N ARG B 77 -7.21 5.40 14.02
CA ARG B 77 -8.54 5.81 13.59
C ARG B 77 -8.62 7.30 13.25
N GLU B 78 -7.85 8.06 14.01
CA GLU B 78 -7.84 9.52 13.88
C GLU B 78 -6.60 10.13 13.27
N LEU B 79 -5.46 9.72 13.77
CA LEU B 79 -4.19 10.26 13.26
C LEU B 79 -4.52 10.62 11.77
N LYS B 80 -4.10 11.80 11.50
CA LYS B 80 -4.17 12.52 10.23
C LYS B 80 -3.33 11.74 9.19
N GLU B 81 -2.04 11.87 9.43
CA GLU B 81 -1.01 11.26 8.61
C GLU B 81 -0.15 10.39 9.53
N PRO B 82 0.72 9.64 8.86
CA PRO B 82 1.59 8.72 9.55
C PRO B 82 2.68 9.40 10.32
N PRO B 83 2.73 8.99 11.58
CA PRO B 83 3.74 9.52 12.51
C PRO B 83 5.12 9.48 11.89
N GLN B 84 5.94 10.47 12.26
CA GLN B 84 7.30 10.54 11.78
C GLN B 84 8.02 9.22 12.10
N GLY B 85 8.48 8.64 11.01
CA GLY B 85 9.23 7.47 10.83
C GLY B 85 8.43 6.21 10.55
N ALA B 86 7.14 6.25 10.76
CA ALA B 86 6.35 4.97 10.53
C ALA B 86 6.34 4.74 9.01
N HIS B 87 6.27 3.53 8.58
CA HIS B 87 6.25 3.20 7.13
C HIS B 87 4.89 3.34 6.50
N PHE B 88 3.87 2.82 7.15
CA PHE B 88 2.49 2.84 6.64
C PHE B 88 1.56 3.21 7.78
N LEU B 89 0.37 3.67 7.44
CA LEU B 89 -0.69 4.00 8.38
C LEU B 89 -1.98 3.37 7.89
N SER B 90 -2.65 2.65 8.72
CA SER B 90 -3.96 2.10 8.41
C SER B 90 -4.90 2.51 9.55
N ARG B 91 -6.18 2.21 9.35
CA ARG B 91 -7.16 2.60 10.37
C ARG B 91 -7.72 1.45 11.12
N SER B 92 -7.41 0.26 10.64
CA SER B 92 -7.97 -0.97 11.35
C SER B 92 -7.05 -2.11 10.95
N LEU B 93 -7.13 -3.17 11.72
CA LEU B 93 -6.24 -4.37 11.40
C LEU B 93 -6.60 -4.77 9.98
N ASP B 94 -7.89 -4.66 9.66
CA ASP B 94 -8.44 -5.08 8.35
C ASP B 94 -7.74 -4.50 7.15
N ASP B 95 -7.66 -3.18 7.06
CA ASP B 95 -6.95 -2.53 5.94
C ASP B 95 -5.48 -2.96 5.92
N ALA B 96 -4.85 -2.90 7.11
CA ALA B 96 -3.44 -3.30 7.18
C ALA B 96 -3.27 -4.69 6.51
N LEU B 97 -4.12 -5.61 6.92
CA LEU B 97 -4.04 -6.99 6.34
C LEU B 97 -4.28 -6.93 4.85
N LYS B 98 -5.39 -6.31 4.48
CA LYS B 98 -5.69 -6.15 3.02
C LYS B 98 -4.45 -5.57 2.37
N LEU B 99 -3.96 -4.49 3.00
CA LEU B 99 -2.74 -3.87 2.43
C LEU B 99 -1.67 -4.82 2.09
N THR B 100 -1.70 -5.87 2.94
CA THR B 100 -0.74 -6.95 2.88
C THR B 100 -0.79 -7.83 1.71
N GLU B 101 -1.95 -8.06 1.15
CA GLU B 101 -2.23 -8.88 -0.01
C GLU B 101 -2.09 -8.20 -1.36
N GLN B 102 -1.68 -6.97 -1.39
CA GLN B 102 -1.36 -6.15 -2.56
C GLN B 102 -0.05 -6.77 -3.11
N PRO B 103 -0.15 -7.26 -4.32
CA PRO B 103 0.93 -7.98 -4.96
C PRO B 103 2.30 -7.43 -4.84
N GLU B 104 2.39 -6.13 -4.93
CA GLU B 104 3.75 -5.51 -4.85
C GLU B 104 4.17 -5.49 -3.37
N LEU B 105 3.16 -5.55 -2.54
CA LEU B 105 3.41 -5.51 -1.05
C LEU B 105 3.84 -6.87 -0.58
N ALA B 106 3.00 -7.82 -0.94
CA ALA B 106 3.04 -9.23 -0.67
C ALA B 106 4.31 -9.95 -1.00
N ASN B 107 5.06 -9.42 -1.94
CA ASN B 107 6.33 -10.00 -2.38
C ASN B 107 7.52 -9.38 -1.67
N LYS B 108 7.24 -8.47 -0.74
CA LYS B 108 8.26 -7.74 0.01
C LYS B 108 8.25 -8.08 1.48
N VAL B 109 7.17 -8.65 1.92
CA VAL B 109 6.79 -9.07 3.18
C VAL B 109 6.55 -10.60 3.37
N ASP B 110 7.25 -11.02 4.42
CA ASP B 110 7.27 -12.38 4.92
C ASP B 110 6.28 -12.51 6.07
N MET B 111 6.75 -12.19 7.26
CA MET B 111 5.84 -12.38 8.41
C MET B 111 5.22 -11.09 8.92
N VAL B 112 4.03 -11.31 9.46
CA VAL B 112 3.25 -10.29 10.09
C VAL B 112 3.25 -10.54 11.61
N TRP B 113 3.61 -9.47 12.30
CA TRP B 113 3.66 -9.57 13.82
C TRP B 113 2.89 -8.40 14.39
N ILE B 114 2.05 -8.80 15.31
CA ILE B 114 1.20 -7.78 16.03
C ILE B 114 1.87 -7.52 17.38
N VAL B 115 2.34 -6.31 17.55
CA VAL B 115 3.04 -5.89 18.75
C VAL B 115 2.23 -5.13 19.77
N GLY B 116 0.93 -5.09 19.58
CA GLY B 116 0.07 -4.40 20.59
C GLY B 116 -0.49 -3.08 20.12
N GLY B 117 -1.37 -2.56 20.94
CA GLY B 117 -1.77 -2.93 22.27
C GLY B 117 -2.99 -3.74 22.51
N SER B 118 -3.45 -3.69 23.77
CA SER B 118 -4.57 -4.60 24.14
C SER B 118 -5.60 -4.78 23.05
N SER B 119 -6.20 -3.73 22.61
CA SER B 119 -7.24 -3.60 21.64
C SER B 119 -6.88 -4.28 20.31
N VAL B 120 -5.60 -4.22 19.91
CA VAL B 120 -5.12 -4.86 18.71
C VAL B 120 -4.95 -6.36 18.91
N TYR B 121 -4.27 -6.67 20.02
CA TYR B 121 -4.01 -8.10 20.31
C TYR B 121 -5.33 -8.85 20.17
N LYS B 122 -6.31 -8.38 20.91
CA LYS B 122 -7.69 -8.85 20.96
C LYS B 122 -8.40 -9.02 19.59
N GLU B 123 -8.31 -8.02 18.75
CA GLU B 123 -8.92 -8.05 17.42
C GLU B 123 -8.21 -9.14 16.64
N ALA B 124 -6.89 -9.18 16.79
CA ALA B 124 -6.01 -10.16 16.11
C ALA B 124 -6.25 -11.58 16.60
N MET B 125 -6.58 -11.74 17.86
CA MET B 125 -6.77 -13.03 18.48
C MET B 125 -7.97 -13.78 18.00
N ASN B 126 -9.02 -13.02 17.77
CA ASN B 126 -10.34 -13.43 17.35
C ASN B 126 -10.31 -13.77 15.86
N HIS B 127 -9.73 -12.87 15.12
CA HIS B 127 -9.54 -12.98 13.68
C HIS B 127 -9.36 -14.47 13.22
N PRO B 128 -10.10 -14.81 12.19
CA PRO B 128 -10.06 -16.14 11.60
C PRO B 128 -8.66 -16.35 10.96
N GLY B 129 -8.33 -17.62 10.87
CA GLY B 129 -7.07 -18.06 10.25
C GLY B 129 -6.20 -18.82 11.28
N HIS B 130 -4.99 -18.97 10.90
CA HIS B 130 -3.85 -19.57 11.46
C HIS B 130 -3.03 -18.41 12.11
N LEU B 131 -3.20 -18.44 13.42
CA LEU B 131 -2.65 -17.54 14.35
C LEU B 131 -1.80 -18.23 15.41
N LYS B 132 -0.69 -17.59 15.67
CA LYS B 132 0.16 -18.03 16.77
C LYS B 132 0.48 -16.89 17.79
N LEU B 133 0.28 -17.18 19.09
CA LEU B 133 0.72 -16.16 20.07
C LEU B 133 2.04 -16.54 20.68
N PHE B 134 2.95 -15.61 20.76
CA PHE B 134 4.27 -15.85 21.44
C PHE B 134 4.17 -15.08 22.79
N VAL B 135 3.90 -15.81 23.86
CA VAL B 135 3.77 -15.26 25.21
C VAL B 135 4.92 -15.45 26.19
N THR B 136 5.50 -14.35 26.66
CA THR B 136 6.57 -14.42 27.67
C THR B 136 5.82 -14.15 29.01
N ARG B 137 5.86 -15.10 29.87
CA ARG B 137 5.16 -14.98 31.17
C ARG B 137 6.21 -14.51 32.20
N ILE B 138 6.00 -13.29 32.61
CA ILE B 138 6.91 -12.62 33.65
C ILE B 138 6.27 -13.12 34.95
N MET B 139 7.05 -13.91 35.63
CA MET B 139 6.64 -14.65 36.83
C MET B 139 6.53 -13.85 38.06
N GLN B 140 5.91 -12.70 37.98
CA GLN B 140 5.77 -11.77 39.11
C GLN B 140 4.65 -10.78 38.82
N ASP B 141 4.11 -10.19 39.89
CA ASP B 141 2.98 -9.26 39.80
C ASP B 141 3.55 -7.87 39.56
N PHE B 142 2.84 -7.12 38.76
CA PHE B 142 3.45 -5.72 38.51
C PHE B 142 2.17 -4.92 38.42
N GLU B 143 2.22 -3.76 38.98
CA GLU B 143 0.98 -2.90 38.92
C GLU B 143 0.86 -2.51 37.45
N SER B 144 -0.33 -2.59 36.93
CA SER B 144 -0.56 -2.24 35.51
C SER B 144 -1.93 -1.61 35.27
N ASP B 145 -2.08 -0.89 34.19
CA ASP B 145 -3.27 -0.23 33.70
C ASP B 145 -3.81 -0.86 32.41
N THR B 146 -3.00 -1.60 31.70
CA THR B 146 -3.27 -2.32 30.51
C THR B 146 -3.01 -3.81 30.67
N PHE B 147 -4.03 -4.56 30.30
CA PHE B 147 -4.07 -6.01 30.43
C PHE B 147 -4.29 -6.71 29.10
N PHE B 148 -3.65 -7.86 29.05
CA PHE B 148 -3.67 -8.71 27.85
C PHE B 148 -4.98 -9.50 27.86
N PRO B 149 -5.65 -9.47 26.72
CA PRO B 149 -6.90 -10.23 26.58
C PRO B 149 -6.59 -11.63 27.09
N GLU B 150 -7.56 -12.32 27.62
CA GLU B 150 -7.31 -13.70 28.14
C GLU B 150 -7.49 -14.66 26.99
N ILE B 151 -6.59 -15.62 26.86
CA ILE B 151 -6.54 -16.62 25.78
C ILE B 151 -7.59 -17.71 25.87
N ASP B 152 -8.35 -17.86 24.82
CA ASP B 152 -9.41 -18.92 24.78
C ASP B 152 -8.75 -20.28 24.54
N LEU B 153 -8.75 -21.08 25.59
CA LEU B 153 -8.15 -22.41 25.57
C LEU B 153 -8.88 -23.40 24.68
N GLU B 154 -10.10 -23.04 24.43
CA GLU B 154 -11.09 -23.74 23.61
C GLU B 154 -10.61 -23.60 22.14
N LYS B 155 -9.83 -22.55 21.90
CA LYS B 155 -9.32 -22.33 20.54
C LYS B 155 -7.82 -22.40 20.42
N TYR B 156 -7.09 -21.86 21.39
CA TYR B 156 -5.64 -21.86 21.38
C TYR B 156 -5.11 -23.13 22.02
N LYS B 157 -3.90 -23.54 21.65
CA LYS B 157 -3.32 -24.79 22.18
C LYS B 157 -1.83 -24.58 22.40
N LEU B 158 -1.39 -24.78 23.65
CA LEU B 158 0.00 -24.63 24.01
C LEU B 158 0.87 -25.62 23.25
N LEU B 159 1.91 -25.13 22.59
CA LEU B 159 2.84 -26.02 21.92
C LEU B 159 4.05 -26.23 22.86
N PRO B 160 4.22 -27.47 23.29
CA PRO B 160 5.29 -27.89 24.21
C PRO B 160 6.70 -27.53 23.85
N GLU B 161 6.98 -27.25 22.62
CA GLU B 161 8.23 -26.83 22.02
C GLU B 161 7.88 -26.14 20.67
N TYR B 162 8.82 -25.36 20.21
CA TYR B 162 8.64 -24.67 18.91
C TYR B 162 10.02 -24.07 18.59
N PRO B 163 10.58 -24.53 17.50
CA PRO B 163 11.90 -24.10 17.02
C PRO B 163 12.14 -22.65 17.35
N GLY B 164 13.36 -22.43 17.78
CA GLY B 164 13.91 -21.17 18.19
C GLY B 164 13.53 -20.71 19.59
N VAL B 165 12.66 -21.43 20.28
CA VAL B 165 12.17 -21.08 21.62
C VAL B 165 12.81 -21.89 22.75
N LEU B 166 13.69 -21.20 23.47
CA LEU B 166 14.35 -21.79 24.66
C LEU B 166 13.23 -22.37 25.53
N SER B 167 13.50 -23.53 26.10
CA SER B 167 12.53 -24.24 26.91
C SER B 167 12.61 -23.99 28.39
N ASP B 168 13.78 -23.57 28.86
CA ASP B 168 14.05 -23.28 30.23
C ASP B 168 13.48 -22.00 30.78
N VAL B 169 13.20 -22.10 32.09
CA VAL B 169 12.72 -20.90 32.87
C VAL B 169 13.91 -19.97 32.83
N GLN B 170 13.68 -18.67 32.60
CA GLN B 170 14.78 -17.72 32.56
C GLN B 170 14.67 -16.78 33.79
N GLU B 171 15.76 -16.09 34.02
CA GLU B 171 15.77 -15.11 35.17
C GLU B 171 16.66 -13.95 34.72
N GLU B 172 16.31 -12.75 35.02
CA GLU B 172 17.21 -11.60 34.67
C GLU B 172 16.86 -10.57 35.76
N LYS B 173 17.84 -9.87 36.25
CA LYS B 173 17.60 -8.88 37.34
C LYS B 173 16.77 -9.50 38.46
N GLY B 174 16.88 -10.78 38.68
CA GLY B 174 16.19 -11.51 39.76
C GLY B 174 14.79 -11.90 39.46
N ILE B 175 14.38 -11.53 38.24
CA ILE B 175 13.02 -11.81 37.77
C ILE B 175 13.02 -13.07 36.85
N LYS B 176 12.03 -13.88 37.14
CA LYS B 176 11.91 -15.12 36.27
C LYS B 176 10.74 -14.99 35.27
N TYR B 177 11.11 -15.40 34.07
CA TYR B 177 10.28 -15.49 32.91
C TYR B 177 10.49 -16.78 32.16
N LYS B 178 9.47 -17.09 31.37
CA LYS B 178 9.27 -18.25 30.54
C LYS B 178 8.56 -17.93 29.20
N PHE B 179 9.14 -18.47 28.16
CA PHE B 179 8.71 -18.33 26.74
C PHE B 179 7.65 -19.39 26.39
N GLU B 180 6.53 -18.95 25.85
CA GLU B 180 5.43 -19.81 25.46
C GLU B 180 4.98 -19.37 24.08
N VAL B 181 4.37 -20.28 23.39
CA VAL B 181 3.81 -20.19 22.03
C VAL B 181 2.44 -20.93 22.02
N TYR B 182 1.40 -20.21 21.62
CA TYR B 182 0.08 -20.67 21.41
C TYR B 182 -0.28 -20.64 19.90
N GLU B 183 -1.04 -21.65 19.53
CA GLU B 183 -1.48 -21.85 18.15
C GLU B 183 -2.95 -22.09 18.09
N LYS B 184 -3.50 -21.59 17.01
CA LYS B 184 -4.95 -21.74 16.68
C LYS B 184 -5.02 -21.95 15.17
N ASN B 185 -5.97 -22.76 14.76
CA ASN B 185 -6.21 -23.04 13.33
C ASN B 185 -7.34 -22.34 12.70
N1 DZF C . -3.06 8.01 -24.42
C2 DZF C . -2.49 8.07 -25.63
NA2 DZF C . -1.83 9.07 -26.06
N3 DZF C . -2.53 6.95 -26.48
C4 DZF C . -3.12 5.77 -26.13
O4 DZF C . -3.08 4.83 -26.94
C4A DZF C . -3.78 5.73 -24.81
C5 DZF C . -4.40 4.59 -24.40
C6 DZF C . -4.94 4.64 -23.18
C7 DZF C . -4.84 5.84 -22.46
N8 DZF C . -4.21 6.94 -22.83
C8A DZF C . -3.68 6.85 -24.02
C9 DZF C . -5.70 3.47 -22.61
N10 DZF C . -5.45 2.19 -23.31
C11 DZF C . -1.83 0.33 -24.14
C12 DZF C . -1.88 1.53 -23.44
C13 DZF C . -3.07 2.20 -23.15
C14 DZF C . -4.22 1.62 -23.56
C15 DZF C . -4.22 0.39 -24.27
C16 DZF C . -3.04 -0.24 -24.54
C DZF C . -0.49 -0.26 -24.37
O DZF C . -0.38 -1.34 -24.95
N DZF C . 0.58 0.35 -23.92
CA DZF C . 1.99 -0.20 -24.17
CB DZF C . 2.21 0.04 -25.69
CG DZF C . 3.63 0.71 -26.05
CD DZF C . 4.07 -0.03 -27.38
OE1 DZF C . 3.72 -1.24 -27.21
OE2 DZF C . 4.58 0.51 -28.34
CT DZF C . 3.05 0.44 -23.35
O1 DZF C . 2.93 1.64 -22.96
O2 DZF C . 4.07 -0.27 -23.13
N1 DZF D . 6.73 -8.79 23.46
C2 DZF D . 7.82 -9.24 24.11
NA2 DZF D . 8.20 -10.47 24.19
N3 DZF D . 8.68 -8.28 24.72
C4 DZF D . 8.45 -6.94 24.71
O4 DZF D . 9.25 -6.17 25.30
C4A DZF D . 7.29 -6.50 23.88
C5 DZF D . 7.06 -5.16 23.78
C6 DZF D . 5.99 -4.79 23.06
C7 DZF D . 5.19 -5.84 22.49
N8 DZF D . 5.38 -7.13 22.55
C8A DZF D . 6.50 -7.43 23.31
C9 DZF D . 5.67 -3.37 22.92
N10 DZF D . 6.68 -2.37 23.36
C11 DZF D . 10.69 -1.86 22.06
C12 DZF D . 9.86 -2.85 21.54
C13 DZF D . 8.51 -3.06 21.93
C14 DZF D . 8.00 -2.26 22.88
C15 DZF D . 8.79 -1.20 23.45
C16 DZF D . 10.09 -1.02 23.02
C DZF D . 12.07 -1.79 21.56
O DZF D . 12.86 -0.90 21.89
N DZF D . 12.59 -2.63 20.74
CA DZF D . 13.90 -2.60 20.08
CB DZF D . 15.16 -2.84 20.90
CG DZF D . 15.09 -4.24 21.72
CD DZF D . 16.47 -4.34 22.51
OE1 DZF D . 16.77 -3.22 22.98
OE2 DZF D . 17.11 -5.42 22.57
CT DZF D . 13.95 -3.52 18.81
O1 DZF D . 14.92 -3.36 18.00
O2 DZF D . 13.07 -4.37 18.76
#